data_4MMA
#
_entry.id   4MMA
#
_cell.length_a   88.520
_cell.length_b   88.811
_cell.length_c   81.225
_cell.angle_alpha   90.00
_cell.angle_beta   94.41
_cell.angle_gamma   90.00
#
_symmetry.space_group_name_H-M   'C 1 2 1'
#
loop_
_entity.id
_entity.type
_entity.pdbx_description
1 polymer Transporter
2 non-polymer 'SODIUM ION'
3 non-polymer 3-(3-CHLORO-5H-DIBENZO[B,F]AZEPIN-5-YL)-N,N-DIMETHYLPROPAN-1-AMINE
4 water water
#
_entity_poly.entity_id   1
_entity_poly.type   'polypeptide(L)'
_entity_poly.pdbx_seq_one_letter_code
;MEVKREHWATRLGLILAMAGYAVDLGNFLRFPVQAAENGGGAFMIPYIIAFLLVGIPLMWIEWAMGRYGGAQGHGTTPAI
FYLLWRNRFAKILGVFGLWIPLVVASYYVYIESWTLGFAIKFLVGLVPEPPPNATDPDSILRPFKEFLYSYIGVPKGDEP
ILKPSLFAYIVFLITMFINVSILIRGISKGIERFAKIAMPTLFILAVFLVIRVFLLETPNGTAADGLNFLWTPDFEKLKD
PGVWIAAVGQIFFSLGLGFGVLITFASYVRKDQDIVLSGLTAATLNEKASVILGGSISIPAAVAFFGVANAVAIAKAGAF
NLGFITLPAIFSQTAGGTFLGFLWFFLLFFAGLTSSIAGMQGMIAFLEDELKLSRKHAVLWTAAIVFFSAHLVMFLNKSL
DEMDFWATGIGVVFFGLTELIIFFWIFGADKAWEEINRGGIIKVPRIYYYVMRYITPAFLAVLLVVWAREYIPKIMEETH
WTVWITRFYIIGLFLFLTFLVFLAERRRNHESAGTLVPR
;
_entity_poly.pdbx_strand_id   A
#
loop_
_chem_comp.id
_chem_comp.type
_chem_comp.name
_chem_comp.formula
CXX non-polymer 3-(3-CHLORO-5H-DIBENZO[B,F]AZEPIN-5-YL)-N,N-DIMETHYLPROPAN-1-AMINE 'C19 H23 Cl N2'
NA non-polymer 'SODIUM ION' 'Na 1'
#
# COMPACT_ATOMS: atom_id res chain seq x y z
N ARG A 5 5.48 26.84 -5.11
CA ARG A 5 5.18 25.43 -4.88
C ARG A 5 4.58 24.77 -6.13
N GLU A 6 4.77 23.46 -6.26
CA GLU A 6 4.22 22.70 -7.38
C GLU A 6 2.74 22.40 -7.17
N HIS A 7 2.02 22.15 -8.26
CA HIS A 7 0.59 21.84 -8.19
C HIS A 7 0.17 20.84 -9.26
N TRP A 8 -1.01 20.24 -9.08
CA TRP A 8 -1.55 19.30 -10.06
C TRP A 8 -2.05 20.06 -11.29
N ALA A 9 -1.73 19.52 -12.48
CA ALA A 9 -2.08 20.17 -13.73
C ALA A 9 -3.55 19.97 -14.10
N THR A 10 -4.10 18.79 -13.83
CA THR A 10 -5.48 18.48 -14.19
C THR A 10 -6.24 17.81 -13.05
N ARG A 11 -7.55 18.02 -12.99
CA ARG A 11 -8.38 17.37 -11.99
C ARG A 11 -8.40 15.85 -12.17
N LEU A 12 -8.32 15.42 -13.43
CA LEU A 12 -8.24 14.00 -13.75
C LEU A 12 -6.94 13.39 -13.23
N GLY A 13 -5.83 14.01 -13.61
CA GLY A 13 -4.51 13.56 -13.20
C GLY A 13 -4.34 13.49 -11.70
N LEU A 14 -5.11 14.31 -10.98
CA LEU A 14 -5.12 14.26 -9.53
C LEU A 14 -5.73 12.94 -9.06
N ILE A 15 -6.96 12.69 -9.52
CA ILE A 15 -7.67 11.46 -9.15
C ILE A 15 -6.89 10.22 -9.59
N LEU A 16 -6.20 10.31 -10.72
CA LEU A 16 -5.43 9.20 -11.25
C LEU A 16 -4.14 8.92 -10.47
N ALA A 17 -3.54 9.97 -9.93
CA ALA A 17 -2.38 9.80 -9.06
C ALA A 17 -2.81 9.18 -7.74
N MET A 18 -3.83 9.80 -7.13
CA MET A 18 -4.45 9.29 -5.92
C MET A 18 -4.89 7.84 -6.07
N ALA A 19 -5.68 7.55 -7.10
CA ALA A 19 -6.12 6.18 -7.38
C ALA A 19 -4.92 5.31 -7.72
N GLY A 20 -3.91 5.91 -8.36
CA GLY A 20 -2.70 5.20 -8.72
C GLY A 20 -1.96 4.68 -7.52
N TYR A 21 -1.83 5.55 -6.52
CA TYR A 21 -1.35 5.21 -5.18
C TYR A 21 -2.19 4.11 -4.56
N ALA A 22 -3.48 4.39 -4.40
CA ALA A 22 -4.38 3.50 -3.67
C ALA A 22 -4.44 2.08 -4.26
N VAL A 23 -4.54 2.00 -5.59
CA VAL A 23 -4.49 0.73 -6.29
C VAL A 23 -3.20 -0.04 -5.99
N ASP A 24 -3.34 -1.24 -5.45
CA ASP A 24 -2.17 -2.07 -5.03
C ASP A 24 -2.16 -3.45 -5.69
N LEU A 25 -1.05 -4.15 -5.51
CA LEU A 25 -1.05 -5.58 -5.50
C LEU A 25 -2.15 -6.09 -4.56
N GLY A 26 -2.29 -5.42 -3.41
CA GLY A 26 -3.30 -5.73 -2.42
C GLY A 26 -4.71 -5.83 -2.95
N ASN A 27 -5.05 -4.97 -3.91
CA ASN A 27 -6.29 -5.08 -4.66
C ASN A 27 -6.42 -6.46 -5.33
N PHE A 28 -5.34 -6.91 -5.98
CA PHE A 28 -5.35 -8.15 -6.75
C PHE A 28 -5.08 -9.38 -5.89
N LEU A 29 -4.55 -9.17 -4.70
CA LEU A 29 -4.07 -10.29 -3.89
C LEU A 29 -4.59 -10.28 -2.46
N ARG A 30 -4.21 -9.27 -1.68
CA ARG A 30 -4.57 -9.23 -0.26
C ARG A 30 -6.09 -9.15 -0.07
N PHE A 31 -6.74 -8.31 -0.87
CA PHE A 31 -8.19 -8.15 -0.77
C PHE A 31 -9.02 -9.43 -1.04
N PRO A 32 -8.77 -10.13 -2.16
CA PRO A 32 -9.54 -11.36 -2.40
C PRO A 32 -9.34 -12.42 -1.32
N VAL A 33 -8.12 -12.55 -0.82
CA VAL A 33 -7.82 -13.51 0.23
C VAL A 33 -8.64 -13.22 1.48
N GLN A 34 -8.60 -11.96 1.94
CA GLN A 34 -9.31 -11.54 3.14
C GLN A 34 -10.80 -11.83 3.02
N ALA A 35 -11.31 -11.76 1.80
CA ALA A 35 -12.73 -12.01 1.56
C ALA A 35 -13.07 -13.48 1.76
N ALA A 36 -12.34 -14.34 1.06
CA ALA A 36 -12.62 -15.77 1.07
C ALA A 36 -12.46 -16.38 2.47
N GLU A 37 -11.52 -15.86 3.23
CA GLU A 37 -11.26 -16.38 4.58
C GLU A 37 -12.29 -15.90 5.60
N ASN A 38 -13.01 -14.84 5.27
CA ASN A 38 -13.91 -14.23 6.24
C ASN A 38 -15.35 -14.01 5.75
N GLY A 39 -15.98 -15.08 5.27
CA GLY A 39 -17.38 -15.02 4.90
C GLY A 39 -17.65 -15.02 3.40
N GLY A 40 -16.61 -14.83 2.61
CA GLY A 40 -16.77 -14.74 1.16
C GLY A 40 -17.55 -13.50 0.77
N GLY A 41 -18.79 -13.69 0.32
CA GLY A 41 -19.65 -12.59 -0.01
C GLY A 41 -20.10 -11.83 1.24
N ALA A 42 -20.18 -12.54 2.36
CA ALA A 42 -20.61 -11.94 3.62
C ALA A 42 -19.62 -10.91 4.15
N PHE A 43 -18.37 -11.04 3.71
CA PHE A 43 -17.31 -10.11 4.12
C PHE A 43 -17.60 -8.70 3.64
N MET A 44 -18.48 -8.59 2.64
CA MET A 44 -18.87 -7.30 2.09
C MET A 44 -19.66 -6.47 3.11
N ILE A 45 -20.38 -7.15 4.00
CA ILE A 45 -21.14 -6.43 5.03
C ILE A 45 -20.24 -5.63 5.99
N PRO A 46 -19.24 -6.28 6.63
CA PRO A 46 -18.37 -5.44 7.46
C PRO A 46 -17.45 -4.54 6.64
N TYR A 47 -17.13 -4.95 5.41
CA TYR A 47 -16.25 -4.17 4.56
C TYR A 47 -16.90 -2.86 4.11
N ILE A 48 -18.13 -2.93 3.62
CA ILE A 48 -18.82 -1.72 3.20
C ILE A 48 -19.03 -0.76 4.38
N ILE A 49 -19.42 -1.32 5.53
CA ILE A 49 -19.65 -0.54 6.75
C ILE A 49 -18.45 0.29 7.17
N ALA A 50 -17.30 -0.37 7.30
CA ALA A 50 -16.05 0.29 7.66
C ALA A 50 -15.53 1.22 6.57
N PHE A 51 -16.07 1.07 5.36
CA PHE A 51 -15.70 1.95 4.24
C PHE A 51 -16.36 3.31 4.44
N LEU A 52 -17.51 3.33 5.11
CA LEU A 52 -18.28 4.57 5.29
C LEU A 52 -18.01 5.22 6.63
N LEU A 53 -17.85 4.40 7.67
CA LEU A 53 -17.65 4.91 9.02
C LEU A 53 -16.18 5.27 9.29
N VAL A 54 -15.26 4.71 8.52
CA VAL A 54 -13.84 4.90 8.81
C VAL A 54 -13.03 5.39 7.60
N GLY A 55 -13.03 4.59 6.53
CA GLY A 55 -12.22 4.86 5.36
C GLY A 55 -12.55 6.17 4.67
N ILE A 56 -13.83 6.35 4.35
CA ILE A 56 -14.30 7.59 3.73
C ILE A 56 -14.05 8.87 4.56
N PRO A 57 -14.37 8.85 5.87
CA PRO A 57 -14.10 10.05 6.68
C PRO A 57 -12.62 10.43 6.73
N LEU A 58 -11.78 9.50 7.17
CA LEU A 58 -10.35 9.71 7.30
C LEU A 58 -9.70 10.18 5.98
N MET A 59 -10.19 9.64 4.87
CA MET A 59 -9.75 10.06 3.55
C MET A 59 -9.91 11.57 3.39
N TRP A 60 -11.12 12.06 3.64
CA TRP A 60 -11.40 13.48 3.61
C TRP A 60 -10.50 14.24 4.57
N ILE A 61 -10.29 13.67 5.75
CA ILE A 61 -9.47 14.31 6.78
C ILE A 61 -8.02 14.50 6.36
N GLU A 62 -7.41 13.45 5.83
CA GLU A 62 -6.04 13.55 5.33
C GLU A 62 -5.95 14.53 4.17
N TRP A 63 -6.92 14.45 3.27
CA TRP A 63 -7.03 15.39 2.17
C TRP A 63 -7.12 16.82 2.70
N ALA A 64 -7.94 17.01 3.72
CA ALA A 64 -8.16 18.33 4.32
C ALA A 64 -6.90 18.88 4.98
N MET A 65 -6.27 18.05 5.80
CA MET A 65 -5.03 18.44 6.46
C MET A 65 -3.95 18.73 5.42
N GLY A 66 -3.94 17.94 4.35
CA GLY A 66 -3.01 18.15 3.25
C GLY A 66 -3.13 19.54 2.64
N ARG A 67 -4.30 19.84 2.09
CA ARG A 67 -4.56 21.12 1.44
C ARG A 67 -4.37 22.28 2.42
N TYR A 68 -4.83 22.10 3.65
CA TYR A 68 -4.71 23.13 4.67
C TYR A 68 -3.25 23.53 4.88
N GLY A 69 -2.37 22.55 4.93
CA GLY A 69 -0.95 22.81 5.08
C GLY A 69 -0.27 23.12 3.76
N GLY A 70 -0.71 22.45 2.70
CA GLY A 70 -0.11 22.61 1.38
C GLY A 70 -0.25 24.00 0.80
N ALA A 71 -1.26 24.73 1.26
CA ALA A 71 -1.43 26.12 0.86
C ALA A 71 -0.33 26.94 1.51
N GLN A 72 0.06 26.52 2.71
CA GLN A 72 1.05 27.25 3.50
C GLN A 72 2.48 26.76 3.20
N GLY A 73 2.61 25.98 2.14
CA GLY A 73 3.90 25.52 1.66
C GLY A 73 4.49 24.38 2.45
N HIS A 74 3.63 23.62 3.12
CA HIS A 74 4.07 22.51 3.96
C HIS A 74 3.28 21.24 3.67
N GLY A 75 3.97 20.22 3.18
CA GLY A 75 3.32 18.99 2.80
C GLY A 75 3.45 17.86 3.80
N THR A 76 4.39 17.99 4.72
CA THR A 76 4.68 16.90 5.66
C THR A 76 4.03 17.12 7.02
N THR A 77 3.67 16.02 7.67
CA THR A 77 3.04 16.06 8.98
C THR A 77 3.88 16.64 10.14
N PRO A 78 5.23 16.66 10.03
CA PRO A 78 5.89 17.44 11.09
C PRO A 78 5.43 18.90 11.09
N ALA A 79 5.34 19.48 9.89
CA ALA A 79 4.92 20.88 9.75
C ALA A 79 3.43 21.04 10.02
N ILE A 80 2.63 20.25 9.32
CA ILE A 80 1.17 20.34 9.41
C ILE A 80 0.60 20.15 10.82
N PHE A 81 1.13 19.17 11.55
CA PHE A 81 0.65 18.90 12.90
C PHE A 81 0.99 20.05 13.83
N TYR A 82 2.01 20.81 13.48
CA TYR A 82 2.41 21.99 14.25
C TYR A 82 1.45 23.14 13.96
N LEU A 83 0.83 23.10 12.78
CA LEU A 83 -0.11 24.15 12.37
C LEU A 83 -1.52 23.88 12.91
N LEU A 84 -1.88 22.60 13.03
CA LEU A 84 -3.15 22.24 13.63
C LEU A 84 -3.05 22.33 15.15
N TRP A 85 -1.89 21.94 15.66
CA TRP A 85 -1.60 21.99 17.09
C TRP A 85 -0.21 22.58 17.29
N ARG A 86 -0.14 23.83 17.74
CA ARG A 86 1.14 24.51 17.87
C ARG A 86 1.88 24.08 19.14
N ASN A 87 2.33 22.82 19.15
CA ASN A 87 2.98 22.24 20.31
C ASN A 87 4.32 21.59 19.90
N ARG A 88 5.14 21.28 20.90
CA ARG A 88 6.43 20.66 20.63
C ARG A 88 6.23 19.16 20.38
N PHE A 89 5.19 18.61 20.99
CA PHE A 89 4.87 17.18 20.88
C PHE A 89 4.18 16.88 19.55
N ALA A 90 3.65 17.94 18.93
CA ALA A 90 2.96 17.80 17.65
C ALA A 90 3.95 17.58 16.51
N LYS A 91 5.11 18.23 16.58
CA LYS A 91 6.17 17.98 15.61
C LYS A 91 6.69 16.54 15.72
N ILE A 92 6.84 16.07 16.96
CA ILE A 92 7.35 14.73 17.22
C ILE A 92 6.37 13.67 16.73
N LEU A 93 5.11 13.83 17.09
CA LEU A 93 4.07 12.93 16.63
C LEU A 93 3.93 12.98 15.11
N GLY A 94 4.37 14.07 14.52
CA GLY A 94 4.33 14.23 13.08
C GLY A 94 5.48 13.56 12.38
N VAL A 95 6.55 13.27 13.14
CA VAL A 95 7.73 12.61 12.59
C VAL A 95 7.39 11.21 12.07
N PHE A 96 6.45 10.55 12.73
CA PHE A 96 5.96 9.23 12.31
C PHE A 96 5.44 9.26 10.87
N GLY A 97 4.64 10.27 10.55
CA GLY A 97 4.14 10.44 9.19
C GLY A 97 5.23 10.73 8.18
N LEU A 98 6.46 10.85 8.65
CA LEU A 98 7.62 11.00 7.78
C LEU A 98 8.47 9.74 7.94
N TRP A 99 8.25 9.05 9.05
CA TRP A 99 9.01 7.86 9.38
C TRP A 99 8.34 6.62 8.83
N ILE A 100 7.01 6.57 8.94
CA ILE A 100 6.23 5.42 8.47
C ILE A 100 6.41 5.07 6.98
N PRO A 101 6.20 6.04 6.06
CA PRO A 101 6.34 5.65 4.65
C PRO A 101 7.79 5.36 4.26
N LEU A 102 8.74 6.01 4.92
CA LEU A 102 10.16 5.82 4.63
C LEU A 102 10.58 4.38 4.95
N VAL A 103 10.08 3.87 6.07
CA VAL A 103 10.36 2.50 6.47
C VAL A 103 9.73 1.53 5.48
N VAL A 104 8.48 1.78 5.10
CA VAL A 104 7.82 0.87 4.18
C VAL A 104 8.54 0.84 2.85
N ALA A 105 8.81 2.02 2.31
CA ALA A 105 9.55 2.14 1.05
C ALA A 105 10.88 1.40 1.10
N SER A 106 11.42 1.21 2.30
CA SER A 106 12.69 0.49 2.47
C SER A 106 12.58 -0.98 2.05
N TYR A 107 11.35 -1.44 1.82
CA TYR A 107 11.14 -2.81 1.36
C TYR A 107 10.16 -2.90 0.18
N TYR A 108 9.26 -1.93 0.06
CA TYR A 108 8.25 -1.98 -1.00
C TYR A 108 8.87 -1.88 -2.39
N VAL A 109 9.73 -0.89 -2.58
CA VAL A 109 10.47 -0.72 -3.83
C VAL A 109 11.20 -2.00 -4.20
N TYR A 110 11.70 -2.70 -3.19
CA TYR A 110 12.38 -3.97 -3.42
C TYR A 110 11.39 -5.03 -3.90
N ILE A 111 10.29 -5.20 -3.18
CA ILE A 111 9.25 -6.15 -3.59
C ILE A 111 8.76 -5.83 -5.00
N GLU A 112 8.64 -4.53 -5.28
CA GLU A 112 8.27 -4.03 -6.60
C GLU A 112 9.24 -4.48 -7.67
N SER A 113 10.52 -4.54 -7.32
CA SER A 113 11.54 -4.98 -8.26
C SER A 113 11.33 -6.43 -8.68
N TRP A 114 10.88 -7.27 -7.75
CA TRP A 114 10.63 -8.68 -8.01
C TRP A 114 9.71 -8.87 -9.20
N THR A 115 8.61 -8.14 -9.17
CA THR A 115 7.64 -8.17 -10.25
C THR A 115 8.35 -7.88 -11.57
N LEU A 116 9.11 -6.79 -11.62
CA LEU A 116 9.86 -6.43 -12.82
C LEU A 116 10.82 -7.56 -13.23
N GLY A 117 11.50 -8.12 -12.24
CA GLY A 117 12.39 -9.24 -12.50
C GLY A 117 11.62 -10.42 -13.07
N PHE A 118 10.59 -10.84 -12.34
CA PHE A 118 9.73 -11.94 -12.75
C PHE A 118 9.08 -11.70 -14.11
N ALA A 119 8.66 -10.45 -14.35
CA ALA A 119 8.09 -10.07 -15.64
C ALA A 119 9.11 -10.31 -16.76
N ILE A 120 10.33 -9.82 -16.56
CA ILE A 120 11.43 -10.05 -17.49
C ILE A 120 11.71 -11.55 -17.64
N LYS A 121 11.83 -12.24 -16.51
CA LYS A 121 12.09 -13.67 -16.51
C LYS A 121 11.00 -14.44 -17.25
N PHE A 122 9.77 -13.94 -17.18
CA PHE A 122 8.64 -14.61 -17.85
C PHE A 122 8.53 -14.22 -19.32
N LEU A 123 8.97 -13.01 -19.65
CA LEU A 123 8.91 -12.54 -21.02
C LEU A 123 9.91 -13.27 -21.91
N VAL A 124 11.17 -13.35 -21.46
CA VAL A 124 12.23 -13.97 -22.23
C VAL A 124 12.16 -15.50 -22.18
N GLY A 125 11.19 -16.02 -21.45
CA GLY A 125 10.96 -17.45 -21.40
C GLY A 125 11.86 -18.16 -20.41
N LEU A 126 12.59 -17.39 -19.61
CA LEU A 126 13.47 -17.94 -18.59
C LEU A 126 12.68 -18.29 -17.34
N VAL A 127 11.85 -19.32 -17.43
CA VAL A 127 11.02 -19.75 -16.31
C VAL A 127 11.06 -21.27 -16.18
N PRO A 128 10.79 -21.79 -14.97
CA PRO A 128 10.77 -23.25 -14.76
C PRO A 128 9.69 -23.93 -15.61
N GLU A 129 9.96 -25.14 -16.07
CA GLU A 129 9.00 -25.89 -16.87
C GLU A 129 8.82 -27.33 -16.35
N PRO A 130 7.73 -27.56 -15.59
CA PRO A 130 7.36 -28.87 -15.04
C PRO A 130 6.50 -29.69 -16.03
N PRO A 131 6.39 -31.02 -15.83
CA PRO A 131 7.02 -31.83 -14.79
C PRO A 131 8.51 -32.05 -15.04
N THR A 135 0.28 -33.17 -13.53
CA THR A 135 0.34 -34.48 -12.89
C THR A 135 -0.12 -34.39 -11.44
N ASP A 136 0.75 -33.88 -10.57
CA ASP A 136 0.44 -33.76 -9.15
C ASP A 136 0.84 -32.38 -8.61
N PRO A 137 0.01 -31.79 -7.73
CA PRO A 137 0.10 -30.40 -7.27
C PRO A 137 1.46 -29.97 -6.72
N ASP A 138 2.07 -30.79 -5.87
CA ASP A 138 3.36 -30.43 -5.29
C ASP A 138 4.47 -30.57 -6.34
N SER A 139 4.20 -31.35 -7.38
CA SER A 139 5.18 -31.58 -8.44
C SER A 139 5.15 -30.47 -9.50
N ILE A 140 4.27 -29.50 -9.30
CA ILE A 140 4.19 -28.35 -10.18
C ILE A 140 4.55 -27.07 -9.44
N LEU A 141 4.16 -27.00 -8.16
CA LEU A 141 4.40 -25.82 -7.35
C LEU A 141 5.86 -25.69 -6.93
N ARG A 142 6.49 -26.81 -6.55
CA ARG A 142 7.88 -26.80 -6.10
C ARG A 142 8.90 -26.16 -7.06
N PRO A 143 8.76 -26.39 -8.39
CA PRO A 143 9.65 -25.66 -9.31
C PRO A 143 9.51 -24.14 -9.21
N PHE A 144 8.30 -23.64 -9.03
CA PHE A 144 8.06 -22.20 -8.90
C PHE A 144 8.17 -21.74 -7.46
N LYS A 145 8.20 -22.71 -6.54
CA LYS A 145 8.45 -22.44 -5.13
C LYS A 145 9.95 -22.22 -4.97
N GLU A 146 10.74 -23.01 -5.70
CA GLU A 146 12.20 -22.88 -5.68
C GLU A 146 12.66 -21.74 -6.59
N PHE A 147 11.91 -21.46 -7.65
CA PHE A 147 12.24 -20.37 -8.57
C PHE A 147 12.22 -19.04 -7.84
N LEU A 148 11.24 -18.88 -6.96
CA LEU A 148 11.07 -17.65 -6.20
C LEU A 148 12.17 -17.50 -5.15
N TYR A 149 12.50 -18.61 -4.50
CA TYR A 149 13.51 -18.60 -3.43
C TYR A 149 14.90 -18.24 -3.98
N SER A 150 15.19 -18.64 -5.21
CA SER A 150 16.46 -18.30 -5.83
C SER A 150 16.57 -16.79 -6.07
N TYR A 151 15.44 -16.17 -6.40
CA TYR A 151 15.39 -14.74 -6.68
C TYR A 151 15.52 -13.93 -5.39
N ILE A 152 14.75 -14.31 -4.37
CA ILE A 152 14.81 -13.68 -3.06
C ILE A 152 16.14 -13.98 -2.38
N GLY A 153 16.58 -15.23 -2.49
CA GLY A 153 17.83 -15.66 -1.88
C GLY A 153 17.60 -16.29 -0.52
N VAL A 154 16.45 -16.93 -0.37
CA VAL A 154 16.04 -17.59 0.87
C VAL A 154 17.12 -18.55 1.37
N PRO A 155 17.52 -18.41 2.66
CA PRO A 155 18.61 -19.16 3.30
C PRO A 155 18.47 -20.68 3.18
N LYS A 156 19.57 -21.33 2.87
CA LYS A 156 19.58 -22.79 2.79
C LYS A 156 20.15 -23.38 4.08
N GLY A 157 20.58 -22.49 4.98
CA GLY A 157 21.09 -22.91 6.28
C GLY A 157 20.33 -22.22 7.40
N ASP A 158 20.70 -22.55 8.63
CA ASP A 158 20.06 -21.95 9.81
C ASP A 158 20.27 -20.44 9.88
N GLU A 159 21.31 -19.96 9.19
CA GLU A 159 21.64 -18.54 9.17
C GLU A 159 20.45 -17.69 8.73
N PRO A 160 20.24 -16.54 9.37
CA PRO A 160 19.21 -15.59 8.98
C PRO A 160 19.72 -14.67 7.88
N ILE A 161 20.30 -15.26 6.84
CA ILE A 161 20.98 -14.51 5.79
C ILE A 161 20.44 -14.79 4.39
N LEU A 162 19.79 -13.79 3.80
CA LEU A 162 19.33 -13.89 2.42
C LEU A 162 20.50 -13.72 1.47
N LYS A 163 20.44 -14.40 0.33
CA LYS A 163 21.45 -14.22 -0.70
C LYS A 163 20.81 -14.08 -2.08
N PRO A 164 20.20 -12.91 -2.35
CA PRO A 164 19.43 -12.68 -3.58
C PRO A 164 20.31 -12.83 -4.83
N SER A 165 19.69 -13.17 -5.96
CA SER A 165 20.45 -13.35 -7.20
C SER A 165 20.94 -12.01 -7.73
N LEU A 166 22.08 -12.05 -8.41
CA LEU A 166 22.67 -10.86 -9.01
C LEU A 166 21.68 -10.10 -9.88
N PHE A 167 20.83 -10.84 -10.59
CA PHE A 167 19.78 -10.27 -11.45
C PHE A 167 18.73 -9.50 -10.65
N ALA A 168 18.32 -10.08 -9.52
CA ALA A 168 17.35 -9.44 -8.63
C ALA A 168 17.85 -8.07 -8.17
N TYR A 169 19.13 -8.04 -7.79
CA TYR A 169 19.77 -6.80 -7.38
C TYR A 169 19.79 -5.79 -8.53
N ILE A 170 20.18 -6.25 -9.71
CA ILE A 170 20.24 -5.39 -10.89
C ILE A 170 18.87 -4.78 -11.21
N VAL A 171 17.85 -5.64 -11.26
CA VAL A 171 16.48 -5.19 -11.49
C VAL A 171 16.05 -4.17 -10.43
N PHE A 172 16.46 -4.40 -9.18
CA PHE A 172 16.14 -3.48 -8.09
C PHE A 172 16.68 -2.08 -8.36
N LEU A 173 17.95 -2.03 -8.75
CA LEU A 173 18.60 -0.77 -9.09
C LEU A 173 17.90 -0.14 -10.28
N ILE A 174 17.67 -0.95 -11.30
CA ILE A 174 16.86 -0.54 -12.43
C ILE A 174 15.51 -0.02 -11.94
N THR A 175 14.86 -0.77 -11.05
CA THR A 175 13.55 -0.38 -10.51
C THR A 175 13.62 0.99 -9.85
N MET A 176 14.63 1.16 -8.99
CA MET A 176 14.90 2.44 -8.34
C MET A 176 15.07 3.51 -9.41
N PHE A 177 15.99 3.25 -10.33
CA PHE A 177 16.26 4.17 -11.43
C PHE A 177 14.99 4.57 -12.16
N ILE A 178 14.05 3.63 -12.29
CA ILE A 178 12.76 3.94 -12.89
C ILE A 178 11.97 4.93 -12.03
N ASN A 179 11.94 4.67 -10.73
CA ASN A 179 11.25 5.53 -9.77
C ASN A 179 11.77 6.97 -9.76
N VAL A 180 13.09 7.12 -9.71
CA VAL A 180 13.73 8.43 -9.72
C VAL A 180 13.40 9.19 -11.00
N SER A 181 13.41 8.46 -12.12
CA SER A 181 13.15 9.02 -13.44
C SER A 181 11.82 9.75 -13.51
N ILE A 182 10.81 9.21 -12.84
CA ILE A 182 9.50 9.84 -12.77
C ILE A 182 9.46 10.90 -11.67
N LEU A 183 10.13 10.63 -10.56
CA LEU A 183 10.09 11.51 -9.41
C LEU A 183 10.82 12.81 -9.64
N ILE A 184 11.84 12.77 -10.48
CA ILE A 184 12.69 13.93 -10.71
C ILE A 184 11.99 14.97 -11.58
N ARG A 185 10.86 14.57 -12.15
CA ARG A 185 10.09 15.44 -13.05
C ARG A 185 8.87 16.08 -12.36
N GLY A 186 8.86 16.07 -11.04
CA GLY A 186 7.87 16.81 -10.28
C GLY A 186 6.50 16.20 -10.20
N ILE A 187 5.55 16.99 -9.70
CA ILE A 187 4.19 16.53 -9.47
C ILE A 187 3.39 16.44 -10.77
N SER A 188 3.47 17.50 -11.58
CA SER A 188 2.67 17.59 -12.80
C SER A 188 3.29 16.83 -13.97
N LYS A 189 4.54 17.13 -14.27
CA LYS A 189 5.20 16.55 -15.44
C LYS A 189 5.84 15.20 -15.15
N GLY A 190 5.50 14.62 -14.00
CA GLY A 190 6.08 13.36 -13.56
C GLY A 190 5.04 12.38 -13.05
N ILE A 191 4.62 12.55 -11.80
CA ILE A 191 3.64 11.66 -11.20
C ILE A 191 2.30 11.67 -11.94
N GLU A 192 1.73 12.87 -12.13
CA GLU A 192 0.44 13.03 -12.79
C GLU A 192 0.49 12.60 -14.26
N ARG A 193 1.53 13.03 -14.96
CA ARG A 193 1.75 12.66 -16.36
C ARG A 193 1.84 11.15 -16.51
N PHE A 194 2.47 10.50 -15.54
CA PHE A 194 2.62 9.05 -15.54
C PHE A 194 1.32 8.37 -15.10
N ALA A 195 0.63 9.00 -14.15
CA ALA A 195 -0.64 8.46 -13.65
C ALA A 195 -1.65 8.43 -14.79
N LYS A 196 -1.49 9.33 -15.75
CA LYS A 196 -2.36 9.38 -16.92
C LYS A 196 -2.05 8.24 -17.89
N ILE A 197 -0.87 7.66 -17.78
CA ILE A 197 -0.45 6.59 -18.68
C ILE A 197 -0.57 5.24 -17.98
N ALA A 198 -0.16 5.22 -16.71
CA ALA A 198 -0.15 3.98 -15.94
C ALA A 198 -1.56 3.45 -15.71
N MET A 199 -2.42 4.29 -15.13
CA MET A 199 -3.80 3.90 -14.80
C MET A 199 -4.61 3.28 -15.95
N PRO A 200 -4.52 3.85 -17.16
CA PRO A 200 -5.16 3.15 -18.28
C PRO A 200 -4.47 1.82 -18.58
N THR A 201 -3.15 1.84 -18.74
CA THR A 201 -2.36 0.64 -19.00
C THR A 201 -2.66 -0.46 -18.00
N LEU A 202 -2.92 -0.05 -16.76
CA LEU A 202 -3.26 -0.98 -15.69
C LEU A 202 -4.61 -1.63 -15.95
N PHE A 203 -5.61 -0.80 -16.23
CA PHE A 203 -6.98 -1.27 -16.46
C PHE A 203 -7.05 -2.23 -17.65
N ILE A 204 -6.24 -1.96 -18.67
CA ILE A 204 -6.20 -2.79 -19.87
C ILE A 204 -5.77 -4.22 -19.56
N LEU A 205 -4.68 -4.33 -18.80
CA LEU A 205 -4.13 -5.62 -18.42
C LEU A 205 -5.09 -6.39 -17.53
N ALA A 206 -5.73 -5.67 -16.60
CA ALA A 206 -6.67 -6.28 -15.68
C ALA A 206 -7.79 -7.01 -16.43
N VAL A 207 -8.50 -6.28 -17.28
CA VAL A 207 -9.58 -6.85 -18.08
C VAL A 207 -9.14 -8.04 -18.92
N PHE A 208 -8.07 -7.85 -19.70
CA PHE A 208 -7.55 -8.91 -20.55
C PHE A 208 -7.25 -10.18 -19.74
N LEU A 209 -6.65 -10.01 -18.57
CA LEU A 209 -6.41 -11.13 -17.69
C LEU A 209 -7.74 -11.75 -17.25
N VAL A 210 -8.62 -10.92 -16.69
CA VAL A 210 -9.95 -11.36 -16.27
C VAL A 210 -10.66 -12.22 -17.33
N ILE A 211 -10.64 -11.71 -18.57
CA ILE A 211 -11.22 -12.42 -19.70
C ILE A 211 -10.60 -13.79 -19.92
N ARG A 212 -9.28 -13.84 -20.08
CA ARG A 212 -8.54 -15.09 -20.16
C ARG A 212 -8.84 -16.00 -18.97
N VAL A 213 -8.79 -15.46 -17.75
CA VAL A 213 -9.09 -16.26 -16.55
C VAL A 213 -10.46 -16.95 -16.64
N PHE A 214 -11.48 -16.21 -17.09
CA PHE A 214 -12.81 -16.79 -17.24
C PHE A 214 -12.84 -17.96 -18.24
N LEU A 215 -11.93 -17.94 -19.21
CA LEU A 215 -11.84 -18.98 -20.22
C LEU A 215 -10.95 -20.14 -19.77
N LEU A 216 -10.70 -20.22 -18.47
CA LEU A 216 -9.87 -21.30 -17.95
C LEU A 216 -10.69 -22.51 -17.55
N GLU A 217 -10.52 -23.60 -18.30
CA GLU A 217 -11.21 -24.84 -17.97
C GLU A 217 -10.19 -25.95 -17.78
N THR A 218 -10.21 -26.56 -16.59
CA THR A 218 -9.32 -27.66 -16.27
C THR A 218 -10.17 -28.80 -15.73
N PRO A 219 -9.64 -30.03 -15.74
CA PRO A 219 -10.33 -31.19 -15.16
C PRO A 219 -10.81 -30.97 -13.72
N ASN A 220 -10.15 -30.08 -12.99
CA ASN A 220 -10.52 -29.83 -11.59
C ASN A 220 -11.73 -28.91 -11.43
N GLY A 221 -11.84 -27.90 -12.28
CA GLY A 221 -12.96 -26.98 -12.21
C GLY A 221 -12.92 -25.88 -13.28
N THR A 222 -13.62 -24.79 -13.00
CA THR A 222 -13.67 -23.65 -13.91
C THR A 222 -13.52 -22.34 -13.16
N ALA A 223 -13.51 -21.23 -13.89
CA ALA A 223 -13.41 -19.91 -13.27
C ALA A 223 -14.70 -19.56 -12.53
N ALA A 224 -15.82 -20.05 -13.04
CA ALA A 224 -17.12 -19.82 -12.42
C ALA A 224 -17.14 -20.42 -11.02
N ASP A 225 -16.41 -21.52 -10.85
CA ASP A 225 -16.32 -22.18 -9.56
C ASP A 225 -15.52 -21.31 -8.58
N GLY A 226 -14.60 -20.53 -9.12
CA GLY A 226 -13.78 -19.62 -8.31
C GLY A 226 -14.56 -18.41 -7.83
N LEU A 227 -15.28 -17.79 -8.76
CA LEU A 227 -16.14 -16.67 -8.43
C LEU A 227 -17.24 -17.10 -7.46
N ASN A 228 -17.78 -18.30 -7.70
CA ASN A 228 -18.78 -18.88 -6.81
C ASN A 228 -18.25 -19.00 -5.39
N PHE A 229 -17.18 -19.76 -5.23
CA PHE A 229 -16.53 -19.96 -3.95
C PHE A 229 -16.20 -18.62 -3.28
N LEU A 230 -15.69 -17.69 -4.07
CA LEU A 230 -15.27 -16.40 -3.55
C LEU A 230 -16.46 -15.56 -3.10
N TRP A 231 -17.53 -15.56 -3.88
CA TRP A 231 -18.62 -14.64 -3.62
C TRP A 231 -19.81 -15.25 -2.88
N THR A 232 -19.81 -16.57 -2.75
CA THR A 232 -20.84 -17.24 -1.97
C THR A 232 -20.71 -16.77 -0.52
N PRO A 233 -21.77 -16.13 0.00
CA PRO A 233 -21.71 -15.48 1.31
C PRO A 233 -21.96 -16.41 2.48
N ASP A 234 -20.93 -16.64 3.29
CA ASP A 234 -21.06 -17.38 4.53
C ASP A 234 -21.24 -16.40 5.69
N PHE A 235 -22.49 -16.09 6.02
CA PHE A 235 -22.81 -15.09 7.04
C PHE A 235 -22.44 -15.52 8.45
N GLU A 236 -22.29 -16.82 8.66
CA GLU A 236 -21.97 -17.37 9.97
C GLU A 236 -20.68 -16.77 10.54
N LYS A 237 -19.77 -16.37 9.66
CA LYS A 237 -18.51 -15.79 10.09
C LYS A 237 -18.63 -14.31 10.50
N LEU A 238 -19.77 -13.70 10.22
CA LEU A 238 -20.00 -12.31 10.60
C LEU A 238 -20.23 -12.17 12.11
N LYS A 239 -20.46 -13.29 12.78
CA LYS A 239 -20.61 -13.31 14.23
C LYS A 239 -19.23 -13.10 14.86
N ASP A 240 -18.20 -13.52 14.13
CA ASP A 240 -16.82 -13.38 14.59
C ASP A 240 -16.39 -11.92 14.56
N PRO A 241 -15.93 -11.42 15.72
CA PRO A 241 -15.38 -10.06 15.79
C PRO A 241 -14.15 -9.90 14.91
N GLY A 242 -13.36 -10.97 14.80
CA GLY A 242 -12.13 -10.98 14.03
C GLY A 242 -12.35 -10.61 12.58
N VAL A 243 -13.52 -10.94 12.06
CA VAL A 243 -13.88 -10.56 10.69
C VAL A 243 -14.11 -9.06 10.62
N TRP A 244 -14.82 -8.53 11.61
CA TRP A 244 -15.11 -7.10 11.68
C TRP A 244 -13.85 -6.26 11.85
N ILE A 245 -12.86 -6.83 12.53
CA ILE A 245 -11.57 -6.17 12.70
C ILE A 245 -10.77 -6.24 11.40
N ALA A 246 -10.69 -7.43 10.83
CA ALA A 246 -9.95 -7.66 9.59
C ALA A 246 -10.51 -6.81 8.46
N ALA A 247 -11.79 -6.45 8.59
CA ALA A 247 -12.45 -5.57 7.64
C ALA A 247 -11.96 -4.14 7.80
N VAL A 248 -12.07 -3.61 9.02
CA VAL A 248 -11.67 -2.23 9.31
C VAL A 248 -10.23 -1.97 8.88
N GLY A 249 -9.37 -2.95 9.09
CA GLY A 249 -7.99 -2.86 8.67
C GLY A 249 -7.79 -2.98 7.18
N GLN A 250 -8.57 -3.83 6.52
CA GLN A 250 -8.36 -4.11 5.10
C GLN A 250 -8.56 -2.85 4.24
N ILE A 251 -9.53 -2.05 4.67
CA ILE A 251 -9.93 -0.79 4.04
C ILE A 251 -8.86 0.26 4.21
N PHE A 252 -8.38 0.36 5.44
CA PHE A 252 -7.22 1.15 5.76
C PHE A 252 -6.09 0.82 4.80
N PHE A 253 -5.78 -0.47 4.67
CA PHE A 253 -4.73 -0.94 3.78
C PHE A 253 -5.02 -0.65 2.29
N SER A 254 -6.23 -0.92 1.84
CA SER A 254 -6.59 -0.68 0.45
C SER A 254 -6.59 0.80 0.09
N LEU A 255 -7.24 1.64 0.89
CA LEU A 255 -7.22 3.08 0.63
C LEU A 255 -5.82 3.64 0.90
N GLY A 256 -5.07 2.95 1.75
CA GLY A 256 -3.76 3.39 2.15
C GLY A 256 -3.75 4.63 3.03
N LEU A 257 -4.61 4.65 4.04
CA LEU A 257 -4.65 5.78 4.96
C LEU A 257 -3.57 5.63 6.04
N GLY A 258 -3.28 6.72 6.74
CA GLY A 258 -2.36 6.69 7.88
C GLY A 258 -0.89 6.49 7.58
N PHE A 259 -0.43 7.04 6.46
CA PHE A 259 0.97 6.94 6.09
C PHE A 259 1.47 8.34 5.74
N GLY A 260 0.56 9.31 5.83
CA GLY A 260 0.87 10.68 5.50
C GLY A 260 0.98 10.95 4.01
N VAL A 261 0.70 9.94 3.18
CA VAL A 261 0.84 10.10 1.73
C VAL A 261 -0.31 10.92 1.14
N LEU A 262 -1.53 10.59 1.54
CA LEU A 262 -2.71 11.33 1.12
C LEU A 262 -2.54 12.79 1.54
N ILE A 263 -2.05 12.99 2.75
CA ILE A 263 -1.75 14.32 3.26
C ILE A 263 -0.80 15.07 2.34
N THR A 264 0.36 14.45 2.08
CA THR A 264 1.40 15.07 1.25
C THR A 264 0.91 15.31 -0.18
N PHE A 265 0.17 14.34 -0.71
CA PHE A 265 -0.41 14.48 -2.04
C PHE A 265 -1.43 15.61 -2.08
N ALA A 266 -2.33 15.62 -1.10
CA ALA A 266 -3.37 16.63 -1.03
C ALA A 266 -2.80 18.00 -0.69
N SER A 267 -1.49 18.07 -0.46
CA SER A 267 -0.83 19.34 -0.19
C SER A 267 -0.37 19.98 -1.48
N TYR A 268 -0.60 19.29 -2.60
CA TYR A 268 -0.31 19.83 -3.92
C TYR A 268 -1.60 20.26 -4.61
N VAL A 269 -2.70 20.18 -3.87
CA VAL A 269 -4.01 20.68 -4.28
C VAL A 269 -4.11 22.16 -3.91
N ARG A 270 -4.58 22.98 -4.84
CA ARG A 270 -4.72 24.41 -4.57
C ARG A 270 -5.74 24.68 -3.45
N LYS A 271 -5.61 25.83 -2.82
CA LYS A 271 -6.33 26.16 -1.59
C LYS A 271 -7.85 25.98 -1.63
N ASP A 272 -8.46 26.26 -2.77
CA ASP A 272 -9.92 26.24 -2.87
C ASP A 272 -10.46 25.26 -3.92
N GLN A 273 -9.67 24.23 -4.23
CA GLN A 273 -10.11 23.21 -5.18
C GLN A 273 -10.76 22.04 -4.42
N ASP A 274 -11.76 21.43 -5.04
CA ASP A 274 -12.55 20.39 -4.38
C ASP A 274 -11.72 19.20 -3.91
N ILE A 275 -12.03 18.72 -2.70
CA ILE A 275 -11.39 17.55 -2.14
C ILE A 275 -12.43 16.55 -1.68
N VAL A 276 -13.67 16.99 -1.58
CA VAL A 276 -14.76 16.14 -1.13
C VAL A 276 -15.12 15.08 -2.18
N LEU A 277 -15.32 15.53 -3.40
CA LEU A 277 -15.70 14.63 -4.50
C LEU A 277 -14.47 13.94 -5.11
N SER A 278 -13.39 14.72 -5.26
CA SER A 278 -12.13 14.24 -5.83
C SER A 278 -11.63 12.98 -5.12
N GLY A 279 -11.59 13.06 -3.79
CA GLY A 279 -11.19 11.95 -2.97
C GLY A 279 -12.17 10.79 -3.04
N LEU A 280 -13.46 11.13 -3.02
CA LEU A 280 -14.52 10.13 -3.07
C LEU A 280 -14.47 9.35 -4.38
N THR A 281 -13.92 9.98 -5.41
CA THR A 281 -13.81 9.35 -6.73
C THR A 281 -12.63 8.40 -6.78
N ALA A 282 -11.46 8.87 -6.34
CA ALA A 282 -10.27 8.04 -6.30
C ALA A 282 -10.50 6.83 -5.41
N ALA A 283 -11.22 7.03 -4.32
CA ALA A 283 -11.56 5.94 -3.40
C ALA A 283 -12.46 4.91 -4.08
N THR A 284 -13.34 5.38 -4.95
CA THR A 284 -14.28 4.51 -5.66
C THR A 284 -13.55 3.69 -6.72
N LEU A 285 -12.59 4.33 -7.38
CA LEU A 285 -11.74 3.66 -8.36
C LEU A 285 -11.00 2.48 -7.76
N ASN A 286 -10.36 2.71 -6.61
CA ASN A 286 -9.61 1.67 -5.90
C ASN A 286 -10.47 0.47 -5.51
N GLU A 287 -11.63 0.73 -4.93
CA GLU A 287 -12.50 -0.35 -4.47
C GLU A 287 -13.18 -1.11 -5.61
N LYS A 288 -13.54 -0.39 -6.67
CA LYS A 288 -14.07 -1.03 -7.87
C LYS A 288 -13.02 -1.97 -8.42
N ALA A 289 -11.78 -1.51 -8.41
CA ALA A 289 -10.65 -2.29 -8.89
C ALA A 289 -10.49 -3.58 -8.08
N SER A 290 -10.69 -3.49 -6.77
CA SER A 290 -10.55 -4.65 -5.89
C SER A 290 -11.62 -5.73 -6.13
N VAL A 291 -12.88 -5.34 -5.98
CA VAL A 291 -13.99 -6.29 -6.08
C VAL A 291 -14.16 -6.89 -7.47
N ILE A 292 -14.02 -6.04 -8.49
CA ILE A 292 -14.29 -6.42 -9.88
C ILE A 292 -13.10 -7.09 -10.55
N LEU A 293 -12.03 -6.32 -10.76
CA LEU A 293 -10.83 -6.84 -11.39
C LEU A 293 -10.13 -7.83 -10.46
N GLY A 294 -9.46 -7.30 -9.42
CA GLY A 294 -8.72 -8.12 -8.48
C GLY A 294 -9.36 -9.38 -7.95
N GLY A 295 -10.66 -9.33 -7.69
CA GLY A 295 -11.37 -10.48 -7.17
C GLY A 295 -11.97 -11.37 -8.24
N SER A 296 -11.36 -11.33 -9.44
CA SER A 296 -11.84 -12.13 -10.56
C SER A 296 -10.70 -12.73 -11.36
N ILE A 297 -9.47 -12.46 -10.95
CA ILE A 297 -8.29 -13.03 -11.60
C ILE A 297 -7.73 -14.18 -10.77
N SER A 298 -7.10 -13.83 -9.65
CA SER A 298 -6.33 -14.76 -8.82
C SER A 298 -7.13 -15.95 -8.28
N ILE A 299 -8.08 -15.68 -7.38
CA ILE A 299 -8.94 -16.72 -6.80
C ILE A 299 -9.67 -17.61 -7.83
N PRO A 300 -10.32 -16.99 -8.85
CA PRO A 300 -10.93 -17.89 -9.85
C PRO A 300 -9.91 -18.78 -10.56
N ALA A 301 -8.84 -18.20 -11.07
CA ALA A 301 -7.79 -18.95 -11.75
C ALA A 301 -7.20 -20.06 -10.88
N ALA A 302 -7.05 -19.78 -9.59
CA ALA A 302 -6.56 -20.77 -8.65
C ALA A 302 -7.56 -21.91 -8.51
N VAL A 303 -8.79 -21.56 -8.17
CA VAL A 303 -9.87 -22.53 -8.07
C VAL A 303 -10.11 -23.26 -9.40
N ALA A 304 -9.92 -22.54 -10.51
CA ALA A 304 -10.12 -23.15 -11.83
C ALA A 304 -9.14 -24.28 -12.07
N PHE A 305 -7.91 -24.13 -11.58
CA PHE A 305 -6.88 -25.13 -11.79
C PHE A 305 -6.81 -26.18 -10.68
N PHE A 306 -6.92 -25.75 -9.43
CA PHE A 306 -6.79 -26.66 -8.30
C PHE A 306 -8.13 -27.14 -7.71
N GLY A 307 -9.22 -26.89 -8.42
CA GLY A 307 -10.54 -27.27 -7.96
C GLY A 307 -11.02 -26.41 -6.81
N VAL A 308 -12.30 -26.51 -6.48
CA VAL A 308 -12.85 -25.76 -5.37
C VAL A 308 -12.54 -26.45 -4.05
N ALA A 309 -12.04 -27.69 -4.16
CA ALA A 309 -11.67 -28.48 -3.00
C ALA A 309 -10.51 -27.86 -2.23
N ASN A 310 -9.57 -27.26 -2.95
CA ASN A 310 -8.40 -26.64 -2.35
C ASN A 310 -8.56 -25.14 -2.16
N ALA A 311 -9.70 -24.61 -2.59
CA ALA A 311 -10.00 -23.18 -2.51
C ALA A 311 -9.85 -22.63 -1.09
N VAL A 312 -10.03 -23.49 -0.08
CA VAL A 312 -9.78 -23.12 1.30
C VAL A 312 -8.28 -23.11 1.57
N ALA A 313 -7.62 -24.21 1.22
CA ALA A 313 -6.18 -24.35 1.41
C ALA A 313 -5.39 -23.31 0.63
N ILE A 314 -5.89 -22.93 -0.54
CA ILE A 314 -5.25 -21.90 -1.36
C ILE A 314 -5.29 -20.57 -0.64
N ALA A 315 -6.43 -20.25 -0.04
CA ALA A 315 -6.62 -18.98 0.66
C ALA A 315 -5.77 -18.90 1.91
N LYS A 316 -5.62 -20.02 2.61
CA LYS A 316 -4.82 -20.05 3.82
C LYS A 316 -3.33 -20.00 3.50
N ALA A 317 -2.98 -20.19 2.23
CA ALA A 317 -1.59 -20.20 1.80
C ALA A 317 -0.98 -18.80 1.73
N GLY A 318 -1.77 -17.80 2.11
CA GLY A 318 -1.29 -16.43 2.11
C GLY A 318 -1.27 -15.83 0.71
N ALA A 319 -1.60 -14.55 0.62
CA ALA A 319 -1.67 -13.85 -0.65
C ALA A 319 -0.35 -13.89 -1.43
N PHE A 320 0.75 -13.78 -0.71
CA PHE A 320 2.08 -13.75 -1.33
C PHE A 320 2.34 -14.96 -2.23
N ASN A 321 2.04 -16.15 -1.72
CA ASN A 321 2.22 -17.39 -2.48
C ASN A 321 1.38 -17.41 -3.75
N LEU A 322 0.14 -16.97 -3.61
CA LEU A 322 -0.82 -16.94 -4.71
C LEU A 322 -0.30 -16.13 -5.89
N GLY A 323 0.44 -15.08 -5.60
CA GLY A 323 0.90 -14.16 -6.62
C GLY A 323 2.27 -14.46 -7.22
N PHE A 324 3.15 -15.09 -6.45
CA PHE A 324 4.52 -15.33 -6.91
C PHE A 324 4.86 -16.80 -7.11
N ILE A 325 3.96 -17.68 -6.64
CA ILE A 325 4.17 -19.12 -6.78
C ILE A 325 3.00 -19.80 -7.47
N THR A 326 1.81 -19.62 -6.90
CA THR A 326 0.60 -20.30 -7.39
C THR A 326 0.22 -19.85 -8.80
N LEU A 327 -0.02 -18.56 -8.97
CA LEU A 327 -0.39 -18.03 -10.28
C LEU A 327 0.67 -18.17 -11.38
N PRO A 328 1.98 -18.05 -11.03
CA PRO A 328 2.96 -18.39 -12.06
C PRO A 328 2.87 -19.86 -12.49
N ALA A 329 2.85 -20.76 -11.52
CA ALA A 329 2.78 -22.19 -11.78
C ALA A 329 1.54 -22.59 -12.58
N ILE A 330 0.47 -21.82 -12.42
CA ILE A 330 -0.76 -22.04 -13.19
C ILE A 330 -0.57 -21.60 -14.63
N PHE A 331 0.07 -20.46 -14.81
CA PHE A 331 0.30 -19.93 -16.14
C PHE A 331 1.27 -20.78 -16.97
N SER A 332 2.13 -21.55 -16.30
CA SER A 332 3.09 -22.39 -16.99
C SER A 332 2.43 -23.59 -17.68
N GLN A 333 1.15 -23.81 -17.39
CA GLN A 333 0.41 -24.95 -17.93
C GLN A 333 -0.57 -24.54 -19.03
N THR A 334 -0.96 -23.27 -19.07
CA THR A 334 -1.94 -22.79 -20.03
C THR A 334 -1.32 -22.47 -21.39
N ALA A 335 -2.17 -22.36 -22.41
CA ALA A 335 -1.72 -22.10 -23.78
C ALA A 335 -0.98 -20.75 -23.89
N GLY A 336 0.32 -20.82 -24.12
CA GLY A 336 1.14 -19.64 -24.26
C GLY A 336 1.18 -18.81 -22.98
N GLY A 337 1.01 -19.49 -21.85
CA GLY A 337 0.90 -18.83 -20.57
C GLY A 337 2.18 -18.22 -20.02
N THR A 338 3.27 -18.34 -20.78
CA THR A 338 4.51 -17.67 -20.41
C THR A 338 4.33 -16.17 -20.62
N PHE A 339 3.35 -15.82 -21.46
CA PHE A 339 3.05 -14.44 -21.75
C PHE A 339 2.07 -13.88 -20.73
N LEU A 340 1.17 -14.74 -20.25
CA LEU A 340 0.27 -14.38 -19.17
C LEU A 340 1.08 -14.07 -17.92
N GLY A 341 2.11 -14.87 -17.71
CA GLY A 341 3.05 -14.64 -16.63
C GLY A 341 3.65 -13.26 -16.76
N PHE A 342 4.11 -12.92 -17.96
CA PHE A 342 4.62 -11.58 -18.22
C PHE A 342 3.56 -10.50 -17.99
N LEU A 343 2.33 -10.75 -18.45
CA LEU A 343 1.24 -9.78 -18.31
C LEU A 343 0.83 -9.58 -16.86
N TRP A 344 0.69 -10.69 -16.14
CA TRP A 344 0.36 -10.68 -14.72
C TRP A 344 1.36 -9.88 -13.88
N PHE A 345 2.63 -10.21 -14.02
CA PHE A 345 3.69 -9.54 -13.27
C PHE A 345 3.83 -8.07 -13.64
N PHE A 346 3.77 -7.77 -14.94
CA PHE A 346 3.88 -6.39 -15.40
C PHE A 346 2.68 -5.55 -14.96
N LEU A 347 1.55 -6.23 -14.74
CA LEU A 347 0.38 -5.59 -14.17
C LEU A 347 0.69 -5.18 -12.74
N LEU A 348 1.23 -6.11 -11.97
CA LEU A 348 1.62 -5.87 -10.59
C LEU A 348 2.73 -4.84 -10.49
N PHE A 349 3.66 -4.87 -11.44
CA PHE A 349 4.78 -3.92 -11.46
C PHE A 349 4.31 -2.47 -11.44
N PHE A 350 3.38 -2.15 -12.34
CA PHE A 350 2.81 -0.81 -12.37
C PHE A 350 1.96 -0.51 -11.15
N ALA A 351 1.20 -1.49 -10.70
CA ALA A 351 0.36 -1.33 -9.51
C ALA A 351 1.20 -0.82 -8.35
N GLY A 352 2.44 -1.29 -8.29
CA GLY A 352 3.36 -0.88 -7.27
C GLY A 352 4.07 0.40 -7.67
N LEU A 353 4.36 0.54 -8.95
CA LEU A 353 5.13 1.66 -9.45
C LEU A 353 4.34 2.97 -9.36
N THR A 354 3.01 2.88 -9.38
CA THR A 354 2.19 4.07 -9.23
C THR A 354 2.12 4.52 -7.78
N SER A 355 2.56 3.63 -6.89
CA SER A 355 2.39 3.79 -5.45
C SER A 355 3.73 4.14 -4.82
N SER A 356 4.78 3.50 -5.32
CA SER A 356 6.12 3.70 -4.77
C SER A 356 6.63 5.10 -5.07
N ILE A 357 6.21 5.66 -6.21
CA ILE A 357 6.56 7.03 -6.53
C ILE A 357 5.80 8.01 -5.63
N ALA A 358 4.60 7.58 -5.20
CA ALA A 358 3.74 8.41 -4.37
C ALA A 358 4.26 8.47 -2.94
N GLY A 359 4.59 7.31 -2.38
CA GLY A 359 5.06 7.24 -1.01
C GLY A 359 6.40 7.90 -0.80
N MET A 360 7.28 7.81 -1.82
CA MET A 360 8.60 8.41 -1.73
C MET A 360 8.59 9.92 -1.93
N GLN A 361 7.41 10.49 -2.20
CA GLN A 361 7.31 11.93 -2.41
C GLN A 361 7.28 12.68 -1.07
N GLY A 362 6.74 12.04 -0.05
CA GLY A 362 6.67 12.61 1.29
C GLY A 362 8.02 13.06 1.83
N MET A 363 9.07 12.30 1.50
CA MET A 363 10.42 12.65 1.90
C MET A 363 10.97 13.80 1.05
N ILE A 364 10.74 13.70 -0.26
CA ILE A 364 11.14 14.74 -1.22
C ILE A 364 10.51 16.08 -0.85
N ALA A 365 9.24 16.02 -0.47
CA ALA A 365 8.49 17.22 -0.07
C ALA A 365 9.11 17.84 1.17
N PHE A 366 9.45 17.01 2.15
CA PHE A 366 10.10 17.47 3.37
C PHE A 366 11.37 18.27 3.07
N LEU A 367 12.27 17.68 2.28
CA LEU A 367 13.52 18.35 1.91
C LEU A 367 13.27 19.61 1.10
N GLU A 368 12.24 19.58 0.25
CA GLU A 368 11.87 20.76 -0.52
C GLU A 368 11.28 21.84 0.38
N ASP A 369 10.23 21.50 1.12
CA ASP A 369 9.55 22.46 1.97
C ASP A 369 10.41 22.97 3.12
N GLU A 370 10.84 22.05 3.98
CA GLU A 370 11.45 22.44 5.26
C GLU A 370 12.93 22.73 5.17
N LEU A 371 13.69 21.91 4.46
CA LEU A 371 15.13 22.12 4.34
C LEU A 371 15.50 22.88 3.06
N LYS A 372 14.47 23.32 2.34
CA LYS A 372 14.63 24.11 1.12
C LYS A 372 15.62 23.51 0.13
N LEU A 373 15.54 22.20 -0.06
CA LEU A 373 16.35 21.52 -1.07
C LEU A 373 15.67 21.63 -2.42
N SER A 374 16.47 21.61 -3.48
CA SER A 374 15.92 21.56 -4.82
C SER A 374 15.12 20.27 -4.96
N ARG A 375 14.38 20.15 -6.04
CA ARG A 375 13.65 18.90 -6.25
C ARG A 375 14.64 17.78 -6.56
N LYS A 376 15.63 18.07 -7.39
CA LYS A 376 16.65 17.09 -7.78
C LYS A 376 17.36 16.46 -6.58
N HIS A 377 17.98 17.30 -5.77
CA HIS A 377 18.64 16.90 -4.55
C HIS A 377 17.69 16.14 -3.62
N ALA A 378 16.50 16.70 -3.42
CA ALA A 378 15.49 16.05 -2.58
C ALA A 378 15.15 14.65 -3.08
N VAL A 379 15.14 14.48 -4.40
CA VAL A 379 14.86 13.19 -5.01
C VAL A 379 16.03 12.22 -4.84
N LEU A 380 17.24 12.65 -5.21
CA LEU A 380 18.42 11.81 -5.18
C LEU A 380 18.80 11.37 -3.77
N TRP A 381 18.78 12.32 -2.83
CA TRP A 381 19.08 12.00 -1.45
C TRP A 381 18.06 11.01 -0.87
N THR A 382 16.78 11.23 -1.16
CA THR A 382 15.75 10.31 -0.70
C THR A 382 15.98 8.92 -1.28
N ALA A 383 16.34 8.87 -2.56
CA ALA A 383 16.66 7.62 -3.22
C ALA A 383 17.85 6.95 -2.55
N ALA A 384 18.82 7.76 -2.12
CA ALA A 384 20.01 7.27 -1.44
C ALA A 384 19.71 6.64 -0.08
N ILE A 385 18.77 7.26 0.64
CA ILE A 385 18.33 6.77 1.95
C ILE A 385 17.59 5.44 1.82
N VAL A 386 16.67 5.36 0.87
CA VAL A 386 15.87 4.16 0.63
C VAL A 386 16.72 3.03 0.07
N PHE A 387 17.63 3.38 -0.83
CA PHE A 387 18.51 2.39 -1.43
C PHE A 387 19.43 1.76 -0.39
N PHE A 388 19.93 2.58 0.53
CA PHE A 388 20.78 2.11 1.62
C PHE A 388 20.05 1.11 2.52
N SER A 389 18.94 1.55 3.09
CA SER A 389 18.15 0.76 4.03
C SER A 389 17.71 -0.57 3.44
N ALA A 390 17.37 -0.57 2.16
CA ALA A 390 16.84 -1.75 1.48
C ALA A 390 17.78 -2.96 1.57
N HIS A 391 19.08 -2.69 1.75
CA HIS A 391 20.07 -3.74 1.89
C HIS A 391 19.78 -4.59 3.13
N LEU A 392 19.24 -3.96 4.17
CA LEU A 392 18.84 -4.67 5.38
C LEU A 392 17.73 -5.67 5.03
N VAL A 393 16.75 -5.21 4.27
CA VAL A 393 15.66 -6.07 3.83
C VAL A 393 16.14 -7.11 2.83
N MET A 394 17.05 -6.70 1.95
CA MET A 394 17.58 -7.60 0.93
C MET A 394 18.42 -8.74 1.49
N PHE A 395 19.17 -8.46 2.55
CA PHE A 395 20.15 -9.42 3.06
C PHE A 395 19.78 -10.05 4.40
N LEU A 396 19.26 -9.25 5.34
CA LEU A 396 18.86 -9.78 6.63
C LEU A 396 17.49 -10.42 6.51
N ASN A 397 17.38 -11.67 6.97
CA ASN A 397 16.14 -12.41 6.87
C ASN A 397 15.10 -11.89 7.86
N LYS A 398 13.84 -11.90 7.45
CA LYS A 398 12.73 -11.43 8.30
C LYS A 398 12.84 -9.98 8.76
N SER A 399 13.83 -9.27 8.24
CA SER A 399 13.95 -7.85 8.48
C SER A 399 12.80 -7.16 7.78
N LEU A 400 12.40 -7.73 6.64
CA LEU A 400 11.27 -7.25 5.87
C LEU A 400 10.00 -7.23 6.72
N ASP A 401 9.72 -8.38 7.33
CA ASP A 401 8.49 -8.55 8.09
C ASP A 401 8.44 -7.64 9.30
N GLU A 402 9.60 -7.42 9.92
CA GLU A 402 9.69 -6.58 11.10
C GLU A 402 9.39 -5.13 10.75
N MET A 403 10.00 -4.65 9.66
CA MET A 403 9.72 -3.31 9.18
C MET A 403 8.23 -3.13 8.87
N ASP A 404 7.64 -4.11 8.19
CA ASP A 404 6.22 -4.04 7.85
C ASP A 404 5.37 -4.06 9.10
N PHE A 405 5.74 -4.89 10.08
CA PHE A 405 4.97 -5.02 11.30
C PHE A 405 4.83 -3.69 12.03
N TRP A 406 5.95 -2.99 12.18
CA TRP A 406 5.95 -1.75 12.95
C TRP A 406 5.42 -0.57 12.13
N ALA A 407 5.99 -0.37 10.94
CA ALA A 407 5.61 0.76 10.11
C ALA A 407 4.13 0.72 9.75
N THR A 408 3.59 -0.46 9.45
CA THR A 408 2.18 -0.60 9.09
C THR A 408 1.31 -0.84 10.32
N GLY A 409 1.41 -2.03 10.90
CA GLY A 409 0.64 -2.43 12.08
C GLY A 409 0.40 -1.34 13.11
N ILE A 410 1.48 -0.70 13.56
CA ILE A 410 1.35 0.43 14.46
C ILE A 410 1.02 1.69 13.70
N GLY A 411 1.85 1.99 12.72
CA GLY A 411 1.78 3.22 11.96
C GLY A 411 0.42 3.60 11.39
N VAL A 412 -0.44 2.62 11.17
CA VAL A 412 -1.79 2.91 10.67
C VAL A 412 -2.76 3.17 11.82
N VAL A 413 -2.64 2.37 12.87
CA VAL A 413 -3.58 2.42 13.97
C VAL A 413 -3.26 3.61 14.87
N PHE A 414 -1.98 3.83 15.11
CA PHE A 414 -1.54 4.93 15.97
C PHE A 414 -1.67 6.28 15.27
N PHE A 415 -0.97 6.43 14.15
CA PHE A 415 -0.90 7.72 13.46
C PHE A 415 -2.24 8.16 12.88
N GLY A 416 -3.09 7.18 12.57
CA GLY A 416 -4.41 7.46 12.03
C GLY A 416 -5.29 8.13 13.06
N LEU A 417 -5.35 7.54 14.25
CA LEU A 417 -6.11 8.12 15.36
C LEU A 417 -5.46 9.44 15.81
N THR A 418 -4.17 9.59 15.51
CA THR A 418 -3.44 10.82 15.80
C THR A 418 -3.89 11.93 14.84
N GLU A 419 -3.99 11.59 13.57
CA GLU A 419 -4.49 12.53 12.55
C GLU A 419 -5.88 13.04 12.88
N LEU A 420 -6.70 12.15 13.45
CA LEU A 420 -8.08 12.46 13.78
C LEU A 420 -8.18 13.47 14.92
N ILE A 421 -7.62 13.12 16.06
CA ILE A 421 -7.69 13.96 17.26
C ILE A 421 -7.06 15.34 17.06
N ILE A 422 -5.95 15.39 16.33
CA ILE A 422 -5.26 16.65 16.08
C ILE A 422 -6.08 17.60 15.20
N PHE A 423 -6.64 17.08 14.11
CA PHE A 423 -7.36 17.91 13.16
C PHE A 423 -8.81 18.19 13.58
N PHE A 424 -9.45 17.23 14.24
CA PHE A 424 -10.87 17.32 14.53
C PHE A 424 -11.19 17.67 15.99
N TRP A 425 -10.32 17.26 16.90
CA TRP A 425 -10.55 17.54 18.32
C TRP A 425 -9.70 18.70 18.83
N ILE A 426 -8.43 18.72 18.43
CA ILE A 426 -7.52 19.78 18.88
C ILE A 426 -7.66 21.04 18.04
N PHE A 427 -7.56 20.90 16.73
CA PHE A 427 -7.70 22.03 15.82
C PHE A 427 -9.13 22.56 15.85
N GLY A 428 -10.06 21.73 16.31
CA GLY A 428 -11.46 22.11 16.40
C GLY A 428 -12.27 21.45 15.31
N ALA A 429 -13.40 20.86 15.69
CA ALA A 429 -14.26 20.14 14.74
C ALA A 429 -14.86 21.06 13.69
N ASP A 430 -15.46 22.17 14.14
CA ASP A 430 -16.10 23.12 13.24
C ASP A 430 -15.11 23.70 12.24
N LYS A 431 -13.97 24.18 12.73
CA LYS A 431 -12.94 24.75 11.88
C LYS A 431 -12.45 23.71 10.87
N ALA A 432 -12.45 22.45 11.29
CA ALA A 432 -12.04 21.35 10.42
C ALA A 432 -13.13 21.02 9.41
N TRP A 433 -14.36 20.88 9.90
CA TRP A 433 -15.50 20.52 9.07
C TRP A 433 -15.68 21.47 7.88
N GLU A 434 -15.41 22.74 8.12
CA GLU A 434 -15.43 23.74 7.07
C GLU A 434 -14.24 23.56 6.15
N GLU A 435 -13.08 23.27 6.74
CA GLU A 435 -11.86 23.04 5.96
C GLU A 435 -12.01 21.83 5.05
N ILE A 436 -12.87 20.89 5.42
CA ILE A 436 -13.13 19.70 4.62
C ILE A 436 -14.08 20.00 3.46
N ASN A 437 -15.21 20.63 3.78
CA ASN A 437 -16.24 20.93 2.77
C ASN A 437 -15.86 22.03 1.79
N ARG A 438 -14.90 22.87 2.18
CA ARG A 438 -14.50 24.04 1.40
C ARG A 438 -14.05 23.71 -0.02
N GLY A 439 -14.59 24.43 -0.99
CA GLY A 439 -14.24 24.24 -2.39
C GLY A 439 -14.88 23.02 -3.01
N GLY A 440 -15.52 22.20 -2.17
CA GLY A 440 -16.13 20.96 -2.62
C GLY A 440 -17.30 21.15 -3.57
N ILE A 441 -17.18 20.55 -4.76
CA ILE A 441 -18.26 20.52 -5.74
C ILE A 441 -19.55 20.03 -5.09
N ILE A 442 -19.42 19.00 -4.26
CA ILE A 442 -20.53 18.56 -3.43
C ILE A 442 -20.17 18.82 -1.97
N LYS A 443 -21.17 18.75 -1.11
CA LYS A 443 -20.95 18.96 0.32
C LYS A 443 -21.02 17.64 1.06
N VAL A 444 -20.15 17.47 2.05
CA VAL A 444 -20.18 16.29 2.89
C VAL A 444 -21.49 16.26 3.67
N PRO A 445 -22.21 15.13 3.62
CA PRO A 445 -23.46 14.94 4.35
C PRO A 445 -23.32 15.33 5.81
N ARG A 446 -24.35 15.98 6.36
CA ARG A 446 -24.31 16.53 7.70
C ARG A 446 -24.06 15.46 8.75
N ILE A 447 -24.46 14.23 8.44
CA ILE A 447 -24.36 13.13 9.38
C ILE A 447 -22.91 12.68 9.57
N TYR A 448 -22.05 12.96 8.59
CA TYR A 448 -20.65 12.55 8.68
C TYR A 448 -19.88 13.30 9.76
N TYR A 449 -20.47 14.39 10.24
CA TYR A 449 -19.89 15.16 11.34
C TYR A 449 -19.83 14.29 12.60
N TYR A 450 -20.90 13.56 12.86
CA TYR A 450 -20.96 12.66 14.02
C TYR A 450 -20.05 11.45 13.81
N VAL A 451 -20.00 10.96 12.57
CA VAL A 451 -19.16 9.82 12.24
C VAL A 451 -17.69 10.16 12.43
N MET A 452 -17.27 11.28 11.86
CA MET A 452 -15.90 11.76 12.00
C MET A 452 -15.50 12.01 13.45
N ARG A 453 -16.41 12.59 14.23
CA ARG A 453 -16.11 13.03 15.59
C ARG A 453 -16.22 11.93 16.66
N TYR A 454 -17.14 10.99 16.48
CA TYR A 454 -17.39 9.95 17.50
C TYR A 454 -17.20 8.51 16.98
N ILE A 455 -17.93 8.16 15.92
CA ILE A 455 -17.96 6.79 15.40
C ILE A 455 -16.62 6.33 14.81
N THR A 456 -15.99 7.18 13.99
CA THR A 456 -14.70 6.85 13.41
C THR A 456 -13.59 6.60 14.46
N PRO A 457 -13.38 7.55 15.41
CA PRO A 457 -12.35 7.25 16.41
C PRO A 457 -12.76 6.14 17.38
N ALA A 458 -14.06 5.88 17.50
CA ALA A 458 -14.52 4.76 18.31
C ALA A 458 -14.01 3.45 17.75
N PHE A 459 -14.09 3.31 16.42
CA PHE A 459 -13.58 2.14 15.72
C PHE A 459 -12.06 2.03 15.85
N LEU A 460 -11.36 3.12 15.52
CA LEU A 460 -9.90 3.14 15.59
C LEU A 460 -9.41 2.80 17.00
N ALA A 461 -10.17 3.25 18.00
CA ALA A 461 -9.85 2.97 19.39
C ALA A 461 -9.96 1.48 19.72
N VAL A 462 -11.09 0.89 19.35
CA VAL A 462 -11.31 -0.55 19.52
C VAL A 462 -10.25 -1.33 18.75
N LEU A 463 -9.91 -0.83 17.57
CA LEU A 463 -8.89 -1.43 16.71
C LEU A 463 -7.53 -1.42 17.39
N LEU A 464 -7.20 -0.30 18.03
CA LEU A 464 -5.94 -0.16 18.75
C LEU A 464 -5.81 -1.17 19.89
N VAL A 465 -6.90 -1.34 20.64
CA VAL A 465 -6.90 -2.26 21.78
C VAL A 465 -6.75 -3.72 21.36
N VAL A 466 -7.56 -4.14 20.40
CA VAL A 466 -7.49 -5.50 19.88
C VAL A 466 -6.12 -5.82 19.29
N TRP A 467 -5.53 -4.85 18.60
CA TRP A 467 -4.21 -5.03 18.00
C TRP A 467 -3.13 -5.17 19.06
N ALA A 468 -3.22 -4.36 20.11
CA ALA A 468 -2.19 -4.30 21.14
C ALA A 468 -2.12 -5.58 21.98
N ARG A 469 -3.26 -6.26 22.10
CA ARG A 469 -3.33 -7.51 22.85
C ARG A 469 -2.84 -8.67 22.00
N GLU A 470 -3.29 -8.73 20.75
CA GLU A 470 -3.02 -9.87 19.89
C GLU A 470 -1.60 -9.87 19.28
N TYR A 471 -1.17 -8.74 18.74
CA TYR A 471 0.07 -8.70 17.94
C TYR A 471 1.35 -8.30 18.67
N ILE A 472 1.24 -7.62 19.81
CA ILE A 472 2.43 -7.13 20.53
C ILE A 472 3.23 -8.19 21.31
N PRO A 473 2.55 -9.05 22.10
CA PRO A 473 3.33 -10.09 22.79
C PRO A 473 3.97 -11.12 21.84
N LYS A 474 3.50 -11.20 20.59
CA LYS A 474 3.97 -12.21 19.65
C LYS A 474 5.39 -11.94 19.14
N ILE A 475 5.59 -10.77 18.53
CA ILE A 475 6.88 -10.42 17.91
C ILE A 475 7.93 -10.07 18.97
N MET A 476 7.48 -9.80 20.19
CA MET A 476 8.37 -9.32 21.26
C MET A 476 9.23 -10.37 21.96
N GLU A 477 8.86 -11.64 21.87
CA GLU A 477 9.56 -12.68 22.61
C GLU A 477 9.92 -13.88 21.75
N GLU A 478 8.93 -14.40 21.03
CA GLU A 478 9.07 -15.64 20.28
C GLU A 478 10.08 -15.52 19.14
N THR A 479 10.39 -14.30 18.75
CA THR A 479 11.24 -14.06 17.58
C THR A 479 12.73 -14.13 17.88
N HIS A 480 13.50 -14.34 16.82
CA HIS A 480 14.96 -14.42 16.87
C HIS A 480 15.55 -13.11 17.37
N TRP A 481 16.88 -13.08 17.51
CA TRP A 481 17.54 -11.90 18.04
C TRP A 481 17.88 -10.89 16.96
N THR A 482 17.99 -11.35 15.71
CA THR A 482 18.34 -10.45 14.62
C THR A 482 17.25 -9.41 14.36
N VAL A 483 16.07 -9.62 14.96
CA VAL A 483 14.98 -8.67 14.81
C VAL A 483 15.35 -7.35 15.48
N TRP A 484 16.25 -7.45 16.46
CA TRP A 484 16.75 -6.28 17.17
C TRP A 484 17.56 -5.39 16.26
N ILE A 485 18.32 -6.01 15.35
CA ILE A 485 19.06 -5.28 14.32
C ILE A 485 18.12 -4.43 13.47
N THR A 486 17.02 -5.04 13.03
CA THR A 486 16.01 -4.32 12.25
C THR A 486 15.35 -3.23 13.07
N ARG A 487 15.08 -3.55 14.33
CA ARG A 487 14.53 -2.59 15.28
C ARG A 487 15.53 -1.47 15.52
N PHE A 488 16.77 -1.86 15.80
CA PHE A 488 17.86 -0.91 16.00
C PHE A 488 17.94 0.05 14.82
N TYR A 489 17.75 -0.47 13.62
CA TYR A 489 17.86 0.38 12.44
C TYR A 489 16.69 1.34 12.31
N ILE A 490 15.48 0.79 12.29
CA ILE A 490 14.30 1.62 12.07
C ILE A 490 14.12 2.67 13.17
N ILE A 491 14.61 2.36 14.37
CA ILE A 491 14.65 3.36 15.45
C ILE A 491 15.63 4.47 15.12
N GLY A 492 16.79 4.10 14.60
CA GLY A 492 17.80 5.05 14.17
C GLY A 492 17.30 6.00 13.10
N LEU A 493 16.32 5.56 12.31
CA LEU A 493 15.70 6.42 11.31
C LEU A 493 14.85 7.48 11.98
N PHE A 494 14.03 7.08 12.96
CA PHE A 494 13.17 8.02 13.67
C PHE A 494 14.01 9.06 14.40
N LEU A 495 15.12 8.61 14.97
CA LEU A 495 16.02 9.52 15.67
C LEU A 495 16.67 10.49 14.67
N PHE A 496 16.97 9.98 13.48
CA PHE A 496 17.52 10.82 12.42
C PHE A 496 16.52 11.87 11.93
N LEU A 497 15.28 11.44 11.71
CA LEU A 497 14.24 12.35 11.25
C LEU A 497 13.88 13.35 12.34
N THR A 498 14.12 12.96 13.59
CA THR A 498 13.97 13.88 14.69
C THR A 498 15.00 14.99 14.53
N PHE A 499 16.19 14.62 14.07
CA PHE A 499 17.29 15.56 13.89
C PHE A 499 17.12 16.50 12.71
N LEU A 500 16.42 16.03 11.67
CA LEU A 500 16.14 16.89 10.52
C LEU A 500 15.01 17.86 10.84
N VAL A 501 13.98 17.35 11.52
CA VAL A 501 12.92 18.20 12.05
C VAL A 501 13.54 19.29 12.93
N PHE A 502 14.51 18.91 13.75
CA PHE A 502 15.26 19.86 14.57
C PHE A 502 16.02 20.87 13.70
N LEU A 503 16.70 20.37 12.67
CA LEU A 503 17.46 21.22 11.75
C LEU A 503 16.57 22.14 10.94
N ALA A 504 15.34 21.68 10.69
CA ALA A 504 14.37 22.45 9.94
C ALA A 504 13.97 23.70 10.71
N GLU A 505 13.60 23.53 11.98
CA GLU A 505 13.14 24.66 12.79
C GLU A 505 14.26 25.62 13.17
N ARG A 506 15.49 25.12 13.18
CA ARG A 506 16.64 25.95 13.52
C ARG A 506 17.12 26.77 12.33
N ARG A 507 16.67 26.41 11.13
CA ARG A 507 17.02 27.17 9.93
C ARG A 507 16.01 28.29 9.73
N ARG A 508 14.85 28.13 10.34
CA ARG A 508 13.74 29.07 10.16
C ARG A 508 13.84 30.27 11.12
N ASN A 509 14.41 30.04 12.30
CA ASN A 509 14.58 31.13 13.27
C ASN A 509 15.66 32.10 12.84
N HIS A 510 16.59 31.64 12.00
CA HIS A 510 17.67 32.47 11.48
C HIS A 510 17.13 33.44 10.43
N GLU A 511 16.33 32.92 9.51
CA GLU A 511 15.72 33.75 8.48
C GLU A 511 14.37 34.29 8.95
NA NA B . -0.45 1.60 -7.52
NA NA C . -6.01 -0.65 -2.36
C1 CXX D . 4.88 2.41 -0.53
C2 CXX D . 5.85 3.44 -0.46
C3 CXX D . 5.80 4.47 0.53
C4 CXX D . 4.77 4.46 1.46
C5 CXX D . 2.68 3.41 2.43
C6 CXX D . 2.93 2.25 3.37
C8 CXX D . 2.02 -1.41 3.41
C9 CXX D . 2.01 -1.80 2.08
C10 CXX D . 2.29 -0.86 1.07
C11 CXX D . 2.63 0.46 1.39
C13 CXX D . 3.80 3.44 1.43
C14 CXX D . 3.87 2.37 0.42
C17 CXX D . 0.00 2.57 -1.30
C18 CXX D . -0.44 0.70 -2.93
C7 CXX D . 2.32 -0.09 3.79
C12 CXX D . 2.61 0.87 2.82
C15 CXX D . 2.06 1.24 -0.79
C16 CXX D . 1.00 2.16 -0.22
C19 CXX D . -1.41 0.62 -0.55
N1 CXX D . 2.90 1.35 0.37
N2 CXX D . -0.62 1.29 -1.60
CL2 CXX D . 7.15 3.38 -1.74
#